data_7QD7
#
_entry.id   7QD7
#
_cell.length_a   58.680
_cell.length_b   88.420
_cell.length_c   97.490
_cell.angle_alpha   90.000
_cell.angle_beta   90.000
_cell.angle_gamma   90.000
#
_symmetry.space_group_name_H-M   'P 21 21 21'
#
loop_
_entity.id
_entity.type
_entity.pdbx_description
1 polymer TarM(Se)_G117R
2 non-polymer 'CHLORIDE ION'
3 non-polymer 'PHOSPHATE ION'
4 non-polymer GLYCEROL
5 non-polymer 'PENTAETHYLENE GLYCOL'
6 water water
#
_entity_poly.entity_id   1
_entity_poly.type   'polypeptide(L)'
_entity_poly.pdbx_seq_one_letter_code
;MHHHHHHSGENLYFQSMKQTYMIVNELDVNKGGMTTAMLTRSKFFLDNEISGDIITFDFKANYKDILKELVQSKKMDKRT
QMHNPFIYFKNISNLQHKKYNYTMTRNLSNLLKDSVEIKENSRISRFFNIMSREYLAYKRETEQETIFDLFKNNLRYKRI
YFYKGKIVKTEVFNSDNNLIAEQFYDDNGYLYLYRQINPEKKSIGKTYLVCKEKQFKNNVEFCSYFLDKLIPDINDNIII
CDGPGSFPKILKTNHKNVKKFAVIHVNHYKNFDDTGAVKKQEDYILRNANKINGVVMLTEAQKKDIIEKYKITNAYVISN
FINITDDYRDKNDNKVVGHISRLVPQKGLPYLIDVAKKVVEQDNSVEFHLYGTGEEKSKIENLIQESNLTNNVKLLGYTT
NAIEKIKDFRCVISTSQFEGQGLSLIEAMLLKKPVVAFDVKYGPSDFVKDGKNGYLIENKDIKKMANKILKLLHDKELSK
SLGKHGRDTIIDMYQPEKLMVKWKQLFN
;
_entity_poly.pdbx_strand_id   AAA
#
loop_
_chem_comp.id
_chem_comp.type
_chem_comp.name
_chem_comp.formula
1PE non-polymer 'PENTAETHYLENE GLYCOL' 'C10 H22 O6'
CL non-polymer 'CHLORIDE ION' 'Cl -1'
GOL non-polymer GLYCEROL 'C3 H8 O3'
PO4 non-polymer 'PHOSPHATE ION' 'O4 P -3'
#
# COMPACT_ATOMS: atom_id res chain seq x y z
N MET A 17 23.88 15.11 7.97
CA MET A 17 24.19 15.24 6.52
C MET A 17 23.67 14.01 5.74
N LYS A 18 23.03 13.05 6.41
CA LYS A 18 22.51 11.80 5.78
C LYS A 18 21.09 12.04 5.25
N GLN A 19 20.86 11.71 3.97
CA GLN A 19 19.53 11.78 3.32
C GLN A 19 19.10 10.37 2.92
N THR A 20 17.90 9.94 3.30
CA THR A 20 17.35 8.61 2.90
C THR A 20 16.16 8.83 1.94
N TYR A 21 16.05 7.94 0.96
CA TYR A 21 14.93 7.92 -0.03
C TYR A 21 14.28 6.54 0.03
N MET A 22 13.05 6.45 0.55
CA MET A 22 12.31 5.18 0.70
C MET A 22 11.43 4.99 -0.53
N ILE A 23 11.59 3.88 -1.26
CA ILE A 23 10.95 3.74 -2.59
C ILE A 23 9.81 2.72 -2.54
N VAL A 24 8.67 3.12 -3.08
CA VAL A 24 7.46 2.26 -3.23
C VAL A 24 6.75 2.75 -4.49
N ASN A 25 5.98 1.89 -5.16
CA ASN A 25 5.37 2.28 -6.45
C ASN A 25 4.41 3.46 -6.24
N GLU A 26 3.62 3.43 -5.17
CA GLU A 26 2.54 4.43 -4.99
C GLU A 26 2.30 4.65 -3.50
N LEU A 27 1.75 5.82 -3.18
CA LEU A 27 1.33 6.20 -1.81
C LEU A 27 -0.16 6.59 -1.91
N ASP A 28 -0.98 6.11 -0.97
CA ASP A 28 -2.41 6.48 -0.89
C ASP A 28 -2.89 6.30 0.55
N VAL A 29 -4.05 6.87 0.89
CA VAL A 29 -4.76 6.55 2.15
C VAL A 29 -5.39 5.17 1.97
N ASN A 30 -5.71 4.48 3.06
CA ASN A 30 -6.31 3.12 3.02
C ASN A 30 -5.32 2.13 2.39
N LYS A 31 -4.01 2.39 2.50
CA LYS A 31 -2.95 1.45 2.08
C LYS A 31 -2.57 0.58 3.28
N GLY A 32 -1.83 -0.51 3.05
CA GLY A 32 -1.50 -1.52 4.07
C GLY A 32 -0.41 -1.07 5.03
N GLY A 33 0.23 -2.03 5.68
CA GLY A 33 1.25 -1.81 6.73
C GLY A 33 2.56 -1.27 6.17
N MET A 34 2.93 -1.66 4.95
CA MET A 34 4.24 -1.26 4.36
C MET A 34 4.33 0.26 4.32
N THR A 35 3.33 0.95 3.76
CA THR A 35 3.34 2.42 3.63
C THR A 35 3.38 3.03 5.04
N THR A 36 2.57 2.54 5.97
CA THR A 36 2.56 3.03 7.38
C THR A 36 3.96 2.87 7.96
N ALA A 37 4.63 1.74 7.71
CA ALA A 37 5.98 1.44 8.24
C ALA A 37 7.00 2.44 7.69
N MET A 38 6.93 2.75 6.39
CA MET A 38 7.85 3.72 5.74
C MET A 38 7.63 5.10 6.36
N LEU A 39 6.36 5.48 6.57
CA LEU A 39 6.00 6.81 7.10
C LEU A 39 6.47 6.92 8.55
N THR A 40 6.30 5.85 9.33
CA THR A 40 6.76 5.79 10.74
C THR A 40 8.28 5.90 10.77
N ARG A 41 8.97 5.16 9.91
CA ARG A 41 10.45 5.14 9.83
C ARG A 41 10.94 6.56 9.54
N SER A 42 10.32 7.25 8.57
CA SER A 42 10.69 8.64 8.19
C SER A 42 10.63 9.54 9.43
N LYS A 43 9.53 9.47 10.18
CA LYS A 43 9.32 10.28 11.41
C LYS A 43 10.51 10.08 12.36
N PHE A 44 10.86 8.83 12.67
CA PHE A 44 11.94 8.49 13.64
C PHE A 44 13.29 8.96 13.08
N PHE A 45 13.55 8.72 11.79
CA PHE A 45 14.80 9.18 11.11
C PHE A 45 14.92 10.70 11.28
N LEU A 46 13.83 11.42 11.01
CA LEU A 46 13.81 12.90 11.06
C LEU A 46 14.06 13.38 12.49
N ASP A 47 13.54 12.65 13.49
CA ASP A 47 13.79 12.95 14.93
C ASP A 47 15.27 12.73 15.24
N ASN A 48 15.99 12.02 14.38
CA ASN A 48 17.44 11.71 14.60
C ASN A 48 18.28 12.43 13.54
N GLU A 49 17.81 13.58 13.06
CA GLU A 49 18.53 14.47 12.10
C GLU A 49 18.88 13.71 10.81
N ILE A 50 18.13 12.68 10.45
CA ILE A 50 18.34 11.94 9.18
C ILE A 50 17.13 12.20 8.28
N SER A 51 17.32 12.93 7.17
CA SER A 51 16.25 13.19 6.18
C SER A 51 15.75 11.83 5.69
N GLY A 52 14.45 11.57 5.79
CA GLY A 52 13.83 10.38 5.19
C GLY A 52 12.79 10.81 4.18
N ASP A 53 13.00 10.60 2.89
CA ASP A 53 12.01 11.06 1.89
C ASP A 53 11.36 9.83 1.25
N ILE A 54 10.13 9.98 0.76
CA ILE A 54 9.41 8.90 0.03
C ILE A 54 9.52 9.19 -1.46
N ILE A 55 9.74 8.16 -2.27
CA ILE A 55 9.70 8.28 -3.76
C ILE A 55 8.67 7.30 -4.31
N THR A 56 7.74 7.78 -5.13
CA THR A 56 6.71 6.98 -5.81
C THR A 56 6.93 7.14 -7.32
N PHE A 57 6.23 6.36 -8.14
CA PHE A 57 6.45 6.32 -9.62
C PHE A 57 5.14 6.42 -10.40
N ASP A 58 4.00 6.40 -9.72
CA ASP A 58 2.67 6.37 -10.39
C ASP A 58 2.20 7.82 -10.63
N PHE A 59 1.19 7.98 -11.49
CA PHE A 59 0.56 9.29 -11.76
C PHE A 59 -0.72 9.41 -10.93
N LYS A 60 -0.83 10.48 -10.13
CA LYS A 60 -2.08 10.85 -9.42
C LYS A 60 -2.19 12.36 -9.49
N ALA A 61 -3.17 12.87 -10.23
CA ALA A 61 -3.41 14.32 -10.39
C ALA A 61 -3.71 14.95 -9.03
N ASN A 62 -4.19 14.16 -8.07
CA ASN A 62 -4.62 14.62 -6.74
C ASN A 62 -3.63 14.19 -5.66
N TYR A 63 -2.36 14.01 -6.00
CA TYR A 63 -1.33 13.58 -5.01
C TYR A 63 -1.24 14.59 -3.86
N LYS A 64 -1.36 15.88 -4.16
CA LYS A 64 -1.34 16.97 -3.14
C LYS A 64 -2.37 16.65 -2.04
N ASP A 65 -3.60 16.31 -2.42
CA ASP A 65 -4.71 16.06 -1.46
C ASP A 65 -4.42 14.81 -0.63
N ILE A 66 -3.85 13.78 -1.25
CA ILE A 66 -3.49 12.50 -0.56
C ILE A 66 -2.43 12.82 0.50
N LEU A 67 -1.38 13.55 0.11
CA LEU A 67 -0.28 13.90 1.04
C LEU A 67 -0.86 14.77 2.17
N LYS A 68 -1.73 15.73 1.84
CA LYS A 68 -2.39 16.63 2.81
C LYS A 68 -3.16 15.77 3.82
N GLU A 69 -3.97 14.82 3.34
CA GLU A 69 -4.75 13.94 4.23
C GLU A 69 -3.79 13.16 5.14
N LEU A 70 -2.74 12.58 4.57
CA LEU A 70 -1.77 11.74 5.34
C LEU A 70 -1.15 12.56 6.48
N VAL A 71 -0.77 13.82 6.22
CA VAL A 71 -0.12 14.67 7.27
C VAL A 71 -1.18 15.10 8.30
N GLN A 72 -2.40 15.43 7.87
CA GLN A 72 -3.45 15.94 8.79
C GLN A 72 -3.98 14.79 9.64
N SER A 73 -4.04 13.57 9.09
CA SER A 73 -4.45 12.35 9.81
C SER A 73 -3.30 11.88 10.73
N LYS A 74 -2.17 12.60 10.74
CA LYS A 74 -0.99 12.33 11.58
C LYS A 74 -0.32 11.00 11.16
N LYS A 75 -0.60 10.46 9.98
CA LYS A 75 0.08 9.24 9.46
C LYS A 75 1.44 9.64 8.88
N MET A 76 1.57 10.85 8.36
CA MET A 76 2.81 11.32 7.69
C MET A 76 3.35 12.54 8.45
N ASP A 77 4.65 12.56 8.68
CA ASP A 77 5.33 13.74 9.28
C ASP A 77 5.32 14.87 8.23
N LYS A 78 5.15 16.12 8.66
CA LYS A 78 5.11 17.31 7.78
C LYS A 78 6.46 17.48 7.07
N ARG A 79 7.54 16.96 7.64
CA ARG A 79 8.91 17.11 7.09
C ARG A 79 9.21 15.97 6.11
N THR A 80 8.35 14.95 6.04
CA THR A 80 8.49 13.86 5.04
C THR A 80 8.02 14.36 3.67
N GLN A 81 8.92 14.43 2.70
CA GLN A 81 8.60 14.86 1.31
C GLN A 81 8.40 13.63 0.43
N MET A 82 7.55 13.74 -0.58
CA MET A 82 7.37 12.69 -1.62
C MET A 82 7.84 13.24 -2.96
N HIS A 83 8.80 12.58 -3.59
CA HIS A 83 9.25 12.87 -4.97
C HIS A 83 8.57 11.88 -5.91
N ASN A 84 8.37 12.31 -7.16
CA ASN A 84 7.56 11.54 -8.14
C ASN A 84 7.95 12.01 -9.54
N PRO A 85 8.15 11.09 -10.51
CA PRO A 85 8.62 11.47 -11.85
C PRO A 85 7.68 12.47 -12.53
N PHE A 86 6.36 12.29 -12.39
CA PHE A 86 5.34 13.14 -13.05
C PHE A 86 5.43 14.56 -12.48
N ILE A 87 5.42 14.69 -11.15
CA ILE A 87 5.55 16.00 -10.45
C ILE A 87 6.89 16.64 -10.88
N TYR A 88 7.98 15.89 -10.77
CA TYR A 88 9.38 16.37 -11.06
C TYR A 88 9.42 16.96 -12.46
N PHE A 89 9.10 16.15 -13.49
CA PHE A 89 9.25 16.58 -14.90
C PHE A 89 8.20 17.64 -15.24
N LYS A 90 7.03 17.64 -14.59
CA LYS A 90 5.97 18.67 -14.83
C LYS A 90 6.48 20.05 -14.38
N ASN A 91 7.10 20.12 -13.20
CA ASN A 91 7.58 21.41 -12.64
C ASN A 91 8.68 21.98 -13.55
N ILE A 92 9.56 21.13 -14.08
CA ILE A 92 10.65 21.55 -15.00
C ILE A 92 10.02 22.05 -16.30
N SER A 93 9.04 21.32 -16.83
CA SER A 93 8.32 21.68 -18.08
C SER A 93 7.62 23.03 -17.89
N ASN A 94 7.09 23.32 -16.70
CA ASN A 94 6.32 24.56 -16.42
C ASN A 94 7.20 25.81 -16.61
N LEU A 95 8.52 25.67 -16.47
CA LEU A 95 9.47 26.81 -16.61
C LEU A 95 9.57 27.22 -18.08
N GLN A 96 9.19 26.36 -19.03
CA GLN A 96 9.45 26.57 -20.48
C GLN A 96 8.43 27.56 -21.07
N HIS A 97 7.34 27.88 -20.37
CA HIS A 97 6.28 28.77 -20.91
C HIS A 97 5.75 29.70 -19.83
N LYS A 98 5.16 30.81 -20.26
CA LYS A 98 4.65 31.89 -19.38
C LYS A 98 3.13 31.90 -19.40
N LYS A 99 2.52 31.69 -20.57
CA LYS A 99 1.05 31.74 -20.74
C LYS A 99 0.51 30.31 -20.88
N TYR A 100 -0.75 30.10 -20.54
CA TYR A 100 -1.45 28.80 -20.71
C TYR A 100 -1.80 28.62 -22.19
N ASN A 101 -1.47 27.46 -22.75
CA ASN A 101 -1.83 27.10 -24.15
C ASN A 101 -3.16 26.35 -24.12
N TYR A 102 -4.17 26.86 -24.84
CA TYR A 102 -5.54 26.29 -24.85
C TYR A 102 -5.76 25.44 -26.09
N THR A 103 -4.72 25.03 -26.82
CA THR A 103 -4.84 24.28 -28.09
C THR A 103 -5.68 23.03 -27.88
N MET A 104 -5.43 22.27 -26.81
CA MET A 104 -6.14 20.97 -26.55
C MET A 104 -7.64 21.23 -26.38
N THR A 105 -8.04 22.18 -25.53
CA THR A 105 -9.46 22.43 -25.21
C THR A 105 -10.14 23.02 -26.45
N ARG A 106 -9.42 23.83 -27.22
CA ARG A 106 -9.93 24.39 -28.51
C ARG A 106 -10.21 23.22 -29.48
N ASN A 107 -9.29 22.26 -29.58
CA ASN A 107 -9.44 21.07 -30.47
C ASN A 107 -10.70 20.30 -30.05
N LEU A 108 -10.96 20.17 -28.75
CA LEU A 108 -12.13 19.44 -28.22
C LEU A 108 -13.41 20.18 -28.62
N SER A 109 -13.46 21.49 -28.38
CA SER A 109 -14.65 22.34 -28.69
C SER A 109 -14.87 22.37 -30.21
N ASN A 110 -13.80 22.22 -31.00
CA ASN A 110 -13.88 22.17 -32.49
C ASN A 110 -14.53 20.85 -32.92
N LEU A 111 -14.15 19.74 -32.28
CA LEU A 111 -14.71 18.41 -32.60
C LEU A 111 -16.22 18.44 -32.34
N LEU A 112 -16.66 19.11 -31.26
CA LEU A 112 -18.08 19.11 -30.83
C LEU A 112 -18.76 20.39 -31.30
N LYS A 113 -18.16 21.12 -32.23
CA LYS A 113 -18.68 22.45 -32.68
C LYS A 113 -20.05 22.25 -33.37
N ASP A 114 -20.16 21.23 -34.21
CA ASP A 114 -21.42 20.94 -34.97
C ASP A 114 -22.14 19.75 -34.31
N SER A 115 -22.21 19.71 -32.98
CA SER A 115 -22.83 18.59 -32.23
C SER A 115 -23.81 19.12 -31.18
N VAL A 116 -24.88 18.37 -30.92
CA VAL A 116 -25.93 18.73 -29.91
C VAL A 116 -25.67 17.89 -28.65
N GLU A 117 -25.90 18.49 -27.48
CA GLU A 117 -25.68 17.84 -26.15
C GLU A 117 -27.00 17.23 -25.69
N ILE A 118 -27.03 15.91 -25.49
CA ILE A 118 -28.23 15.18 -24.98
C ILE A 118 -27.93 14.69 -23.55
N LYS A 119 -28.32 15.46 -22.54
CA LYS A 119 -28.09 15.13 -21.10
C LYS A 119 -28.73 13.77 -20.80
N GLU A 120 -27.91 12.75 -20.54
CA GLU A 120 -28.37 11.37 -20.23
C GLU A 120 -28.67 11.28 -18.73
N ASN A 121 -27.88 11.96 -17.89
CA ASN A 121 -28.07 12.04 -16.42
C ASN A 121 -27.77 13.48 -15.96
N SER A 122 -27.70 13.70 -14.65
CA SER A 122 -27.26 14.97 -14.03
C SER A 122 -25.76 15.17 -14.30
N ARG A 123 -25.01 14.06 -14.41
CA ARG A 123 -23.53 14.07 -14.57
C ARG A 123 -23.15 13.72 -16.01
N ILE A 124 -23.91 12.84 -16.68
CA ILE A 124 -23.53 12.27 -18.00
C ILE A 124 -24.29 13.01 -19.11
N SER A 125 -23.62 13.27 -20.23
CA SER A 125 -24.20 13.91 -21.44
C SER A 125 -23.58 13.30 -22.69
N ARG A 126 -24.29 13.34 -23.82
CA ARG A 126 -23.84 12.72 -25.08
C ARG A 126 -23.89 13.76 -26.20
N PHE A 127 -22.89 13.76 -27.09
CA PHE A 127 -22.77 14.76 -28.18
C PHE A 127 -23.06 14.06 -29.51
N PHE A 128 -24.02 14.59 -30.28
CA PHE A 128 -24.49 13.98 -31.54
C PHE A 128 -24.28 14.98 -32.68
N ASN A 129 -23.41 14.63 -33.64
CA ASN A 129 -23.18 15.46 -34.85
C ASN A 129 -24.48 15.46 -35.66
N ILE A 130 -25.21 16.58 -35.63
CA ILE A 130 -26.50 16.77 -36.36
C ILE A 130 -26.31 16.35 -37.82
N MET A 131 -25.18 16.75 -38.43
CA MET A 131 -24.87 16.51 -39.86
C MET A 131 -24.44 15.07 -40.06
N SER A 132 -23.33 14.65 -39.42
CA SER A 132 -22.71 13.31 -39.64
C SER A 132 -23.62 12.20 -39.09
N ARG A 133 -24.67 12.55 -38.36
CA ARG A 133 -25.60 11.58 -37.72
C ARG A 133 -24.80 10.57 -36.90
N GLU A 134 -23.71 11.02 -36.27
CA GLU A 134 -22.78 10.15 -35.50
C GLU A 134 -22.63 10.72 -34.10
N TYR A 135 -22.69 9.88 -33.08
CA TYR A 135 -22.40 10.26 -31.67
C TYR A 135 -20.88 10.34 -31.51
N LEU A 136 -20.36 11.54 -31.27
CA LEU A 136 -18.90 11.81 -31.30
C LEU A 136 -18.29 11.68 -29.89
N ALA A 137 -19.04 11.90 -28.81
CA ALA A 137 -18.44 11.97 -27.47
C ALA A 137 -19.46 11.71 -26.36
N TYR A 138 -18.94 11.28 -25.21
CA TYR A 138 -19.65 11.20 -23.92
C TYR A 138 -18.89 12.08 -22.94
N LYS A 139 -19.59 12.80 -22.09
CA LYS A 139 -18.98 13.68 -21.06
C LYS A 139 -19.56 13.30 -19.69
N ARG A 140 -18.71 13.19 -18.67
CA ARG A 140 -19.17 13.03 -17.27
C ARG A 140 -18.53 14.15 -16.44
N GLU A 141 -19.35 14.96 -15.79
CA GLU A 141 -18.87 16.11 -14.97
C GLU A 141 -19.12 15.81 -13.49
N THR A 142 -18.06 15.79 -12.68
CA THR A 142 -18.16 15.66 -11.20
C THR A 142 -17.55 16.92 -10.58
N GLU A 143 -17.35 16.91 -9.25
CA GLU A 143 -16.73 18.03 -8.49
C GLU A 143 -15.24 18.10 -8.84
N GLN A 144 -14.84 19.16 -9.54
CA GLN A 144 -13.42 19.49 -9.86
C GLN A 144 -12.86 18.55 -10.96
N GLU A 145 -13.69 17.72 -11.61
CA GLU A 145 -13.20 16.75 -12.62
C GLU A 145 -14.24 16.52 -13.72
N THR A 146 -13.87 16.72 -14.98
CA THR A 146 -14.71 16.44 -16.17
C THR A 146 -13.97 15.45 -17.10
N ILE A 147 -14.62 14.37 -17.51
CA ILE A 147 -14.06 13.36 -18.44
C ILE A 147 -14.82 13.41 -19.76
N PHE A 148 -14.10 13.39 -20.89
CA PHE A 148 -14.68 13.29 -22.26
C PHE A 148 -14.20 11.99 -22.89
N ASP A 149 -15.12 11.09 -23.24
CA ASP A 149 -14.77 9.87 -24.02
C ASP A 149 -15.15 10.13 -25.47
N LEU A 150 -14.17 10.04 -26.37
CA LEU A 150 -14.34 10.39 -27.80
C LEU A 150 -14.61 9.11 -28.60
N PHE A 151 -15.58 9.15 -29.52
CA PHE A 151 -16.04 7.96 -30.27
C PHE A 151 -16.01 8.21 -31.78
N LYS A 152 -15.57 7.20 -32.53
CA LYS A 152 -15.65 7.19 -34.01
C LYS A 152 -16.13 5.79 -34.44
N ASN A 153 -17.19 5.73 -35.24
CA ASN A 153 -17.85 4.45 -35.65
C ASN A 153 -18.30 3.70 -34.39
N ASN A 154 -18.74 4.42 -33.35
CA ASN A 154 -19.20 3.85 -32.06
C ASN A 154 -18.04 3.12 -31.35
N LEU A 155 -16.80 3.53 -31.57
CA LEU A 155 -15.61 2.97 -30.89
C LEU A 155 -14.85 4.10 -30.21
N ARG A 156 -14.64 4.00 -28.89
CA ARG A 156 -13.83 4.98 -28.13
C ARG A 156 -12.39 4.88 -28.61
N TYR A 157 -11.79 6.03 -28.96
CA TYR A 157 -10.37 6.10 -29.40
C TYR A 157 -9.57 7.01 -28.46
N LYS A 158 -10.23 7.83 -27.64
CA LYS A 158 -9.53 8.78 -26.74
C LYS A 158 -10.39 9.14 -25.54
N ARG A 159 -9.74 9.34 -24.39
CA ARG A 159 -10.35 9.92 -23.17
C ARG A 159 -9.57 11.16 -22.78
N ILE A 160 -10.24 12.26 -22.46
CA ILE A 160 -9.58 13.51 -22.00
C ILE A 160 -9.99 13.73 -20.54
N TYR A 161 -9.02 13.94 -19.66
CA TYR A 161 -9.22 14.20 -18.21
C TYR A 161 -8.99 15.69 -17.93
N PHE A 162 -10.03 16.37 -17.51
CA PHE A 162 -9.97 17.75 -16.96
C PHE A 162 -9.96 17.65 -15.44
N TYR A 163 -9.00 18.28 -14.78
CA TYR A 163 -8.92 18.36 -13.30
C TYR A 163 -8.56 19.79 -12.90
N LYS A 164 -9.34 20.40 -12.03
CA LYS A 164 -9.17 21.80 -11.54
C LYS A 164 -9.13 22.75 -12.73
N GLY A 165 -10.01 22.54 -13.72
CA GLY A 165 -10.21 23.44 -14.88
C GLY A 165 -9.21 23.23 -16.01
N LYS A 166 -8.30 22.27 -15.93
CA LYS A 166 -7.23 22.10 -16.95
C LYS A 166 -7.10 20.61 -17.33
N ILE A 167 -6.68 20.34 -18.56
CA ILE A 167 -6.38 18.96 -19.03
C ILE A 167 -5.10 18.49 -18.34
N VAL A 168 -5.15 17.33 -17.69
CA VAL A 168 -3.97 16.78 -16.97
C VAL A 168 -3.44 15.55 -17.70
N LYS A 169 -4.28 14.89 -18.50
CA LYS A 169 -3.96 13.57 -19.07
C LYS A 169 -4.94 13.23 -20.20
N THR A 170 -4.43 12.55 -21.22
CA THR A 170 -5.27 11.94 -22.28
C THR A 170 -4.86 10.47 -22.38
N GLU A 171 -5.81 9.61 -22.69
CA GLU A 171 -5.59 8.16 -22.91
C GLU A 171 -6.03 7.81 -24.33
N VAL A 172 -5.26 7.00 -25.05
CA VAL A 172 -5.60 6.56 -26.43
C VAL A 172 -5.95 5.07 -26.34
N PHE A 173 -7.07 4.67 -26.95
CA PHE A 173 -7.58 3.29 -26.92
C PHE A 173 -7.58 2.72 -28.34
N ASN A 174 -7.40 1.40 -28.48
CA ASN A 174 -7.51 0.69 -29.78
C ASN A 174 -8.97 0.27 -30.00
N SER A 175 -9.22 -0.44 -31.09
CA SER A 175 -10.56 -0.94 -31.50
C SER A 175 -11.15 -1.90 -30.46
N ASP A 176 -10.33 -2.56 -29.65
CA ASP A 176 -10.78 -3.47 -28.56
C ASP A 176 -11.04 -2.71 -27.26
N ASN A 177 -10.96 -1.38 -27.29
CA ASN A 177 -11.09 -0.49 -26.10
C ASN A 177 -10.01 -0.84 -25.09
N ASN A 178 -8.82 -1.18 -25.56
CA ASN A 178 -7.65 -1.42 -24.69
C ASN A 178 -6.74 -0.19 -24.75
N LEU A 179 -6.20 0.25 -23.62
CA LEU A 179 -5.26 1.40 -23.52
C LEU A 179 -4.00 1.08 -24.33
N ILE A 180 -3.63 1.93 -25.29
CA ILE A 180 -2.40 1.75 -26.11
C ILE A 180 -1.42 2.93 -25.92
N ALA A 181 -1.85 4.05 -25.34
CA ALA A 181 -0.97 5.21 -25.09
C ALA A 181 -1.54 6.12 -24.00
N GLU A 182 -0.66 6.82 -23.29
CA GLU A 182 -1.00 7.82 -22.24
C GLU A 182 -0.18 9.08 -22.49
N GLN A 183 -0.79 10.26 -22.31
CA GLN A 183 -0.14 11.58 -22.52
C GLN A 183 -0.38 12.43 -21.27
N PHE A 184 0.65 13.11 -20.79
CA PHE A 184 0.59 13.90 -19.53
C PHE A 184 0.92 15.35 -19.87
N TYR A 185 0.20 16.29 -19.28
CA TYR A 185 0.27 17.73 -19.62
C TYR A 185 0.68 18.55 -18.41
N ASP A 186 1.45 19.60 -18.63
CA ASP A 186 1.98 20.47 -17.54
C ASP A 186 0.91 21.52 -17.18
N ASP A 187 1.25 22.43 -16.28
CA ASP A 187 0.30 23.45 -15.78
C ASP A 187 0.16 24.60 -16.79
N ASN A 188 0.86 24.54 -17.92
CA ASN A 188 0.74 25.53 -19.01
C ASN A 188 -0.02 24.92 -20.21
N GLY A 189 -0.49 23.67 -20.08
CA GLY A 189 -1.29 22.99 -21.12
C GLY A 189 -0.43 22.34 -22.18
N TYR A 190 0.84 22.07 -21.89
CA TYR A 190 1.80 21.47 -22.86
C TYR A 190 2.04 20.00 -22.54
N LEU A 191 2.20 19.17 -23.58
CA LEU A 191 2.61 17.75 -23.46
C LEU A 191 4.07 17.71 -22.97
N TYR A 192 4.35 17.03 -21.86
CA TYR A 192 5.74 16.88 -21.34
C TYR A 192 6.14 15.40 -21.30
N LEU A 193 5.18 14.48 -21.31
CA LEU A 193 5.48 13.04 -21.20
C LEU A 193 4.39 12.23 -21.91
N TYR A 194 4.79 11.27 -22.74
CA TYR A 194 3.84 10.32 -23.39
C TYR A 194 4.49 8.94 -23.46
N ARG A 195 3.68 7.89 -23.35
CA ARG A 195 4.16 6.50 -23.28
C ARG A 195 3.21 5.58 -24.02
N GLN A 196 3.74 4.53 -24.63
CA GLN A 196 2.96 3.45 -25.28
C GLN A 196 2.61 2.42 -24.20
N ILE A 197 1.43 1.81 -24.31
CA ILE A 197 0.96 0.74 -23.38
C ILE A 197 0.70 -0.51 -24.23
N ASN A 198 1.15 -1.67 -23.76
CA ASN A 198 0.87 -2.97 -24.45
C ASN A 198 -0.61 -3.31 -24.21
N PRO A 199 -1.44 -3.35 -25.27
CA PRO A 199 -2.89 -3.46 -25.13
C PRO A 199 -3.43 -4.60 -24.24
N GLU A 200 -2.91 -5.83 -24.38
CA GLU A 200 -3.43 -7.00 -23.63
C GLU A 200 -2.63 -7.20 -22.34
N LYS A 201 -1.31 -6.97 -22.37
CA LYS A 201 -0.41 -7.14 -21.19
C LYS A 201 -0.66 -5.99 -20.20
N LYS A 202 -1.15 -4.86 -20.70
CA LYS A 202 -1.38 -3.61 -19.91
C LYS A 202 -0.05 -3.16 -19.29
N SER A 203 1.08 -3.49 -19.92
CA SER A 203 2.45 -3.11 -19.48
C SER A 203 2.88 -1.82 -20.18
N ILE A 204 3.71 -1.00 -19.53
CA ILE A 204 4.19 0.30 -20.10
C ILE A 204 5.37 0.01 -21.03
N GLY A 205 5.33 0.53 -22.26
CA GLY A 205 6.39 0.36 -23.27
C GLY A 205 7.22 1.63 -23.43
N LYS A 206 7.48 2.02 -24.67
CA LYS A 206 8.37 3.16 -24.99
C LYS A 206 7.80 4.43 -24.32
N THR A 207 8.63 5.10 -23.52
CA THR A 207 8.27 6.36 -22.81
C THR A 207 9.12 7.49 -23.40
N TYR A 208 8.50 8.65 -23.65
CA TYR A 208 9.15 9.80 -24.31
C TYR A 208 9.03 11.06 -23.44
N LEU A 209 10.16 11.63 -23.05
CA LEU A 209 10.23 12.91 -22.31
C LEU A 209 10.38 14.04 -23.32
N VAL A 210 9.38 14.91 -23.43
CA VAL A 210 9.35 15.97 -24.49
C VAL A 210 10.53 16.94 -24.32
N CYS A 211 10.68 17.56 -23.14
CA CYS A 211 11.69 18.62 -22.89
C CYS A 211 13.08 18.15 -23.33
N LYS A 212 13.50 16.97 -22.86
CA LYS A 212 14.87 16.42 -23.10
C LYS A 212 14.92 15.69 -24.44
N GLU A 213 13.80 15.58 -25.15
CA GLU A 213 13.69 14.80 -26.41
C GLU A 213 14.38 13.45 -26.21
N LYS A 214 14.13 12.80 -25.06
CA LYS A 214 14.77 11.53 -24.66
C LYS A 214 13.74 10.41 -24.78
N GLN A 215 14.15 9.25 -25.27
CA GLN A 215 13.29 8.04 -25.38
C GLN A 215 13.82 6.96 -24.42
N PHE A 216 12.91 6.20 -23.82
CA PHE A 216 13.24 5.08 -22.89
C PHE A 216 12.51 3.83 -23.37
N LYS A 217 13.17 2.67 -23.25
CA LYS A 217 12.64 1.33 -23.67
C LYS A 217 11.36 1.01 -22.89
N ASN A 218 11.35 1.28 -21.58
CA ASN A 218 10.22 0.92 -20.69
C ASN A 218 10.13 1.92 -19.54
N ASN A 219 9.22 1.66 -18.59
CA ASN A 219 9.04 2.48 -17.36
C ASN A 219 10.24 2.31 -16.43
N VAL A 220 10.85 1.13 -16.38
CA VAL A 220 12.02 0.85 -15.49
C VAL A 220 13.16 1.81 -15.87
N GLU A 221 13.52 1.88 -17.15
CA GLU A 221 14.60 2.76 -17.67
C GLU A 221 14.25 4.21 -17.34
N PHE A 222 13.01 4.63 -17.59
CA PHE A 222 12.54 6.02 -17.36
C PHE A 222 12.69 6.36 -15.86
N CYS A 223 12.21 5.49 -14.98
CA CYS A 223 12.24 5.74 -13.50
C CYS A 223 13.68 5.70 -13.00
N SER A 224 14.55 4.85 -13.57
CA SER A 224 15.98 4.79 -13.20
C SER A 224 16.66 6.12 -13.55
N TYR A 225 16.35 6.68 -14.72
CA TYR A 225 16.85 8.00 -15.17
C TYR A 225 16.35 9.07 -14.20
N PHE A 226 15.09 8.99 -13.78
CA PHE A 226 14.49 9.94 -12.80
C PHE A 226 15.34 9.91 -11.52
N LEU A 227 15.65 8.71 -11.00
CA LEU A 227 16.43 8.57 -9.74
C LEU A 227 17.85 9.13 -9.96
N ASP A 228 18.41 8.97 -11.15
CA ASP A 228 19.76 9.51 -11.48
C ASP A 228 19.73 11.04 -11.48
N LYS A 229 18.62 11.64 -11.94
CA LYS A 229 18.48 13.12 -12.01
C LYS A 229 18.13 13.68 -10.63
N LEU A 230 17.42 12.90 -9.80
CA LEU A 230 16.91 13.37 -8.49
C LEU A 230 18.00 13.21 -7.42
N ILE A 231 18.58 12.02 -7.28
CA ILE A 231 19.49 11.71 -6.15
C ILE A 231 20.92 11.94 -6.61
N PRO A 232 21.65 12.92 -6.02
CA PRO A 232 23.08 13.09 -6.30
C PRO A 232 23.86 11.83 -5.89
N ASP A 233 24.89 11.47 -6.66
CA ASP A 233 25.68 10.24 -6.43
C ASP A 233 26.73 10.48 -5.34
N ILE A 234 26.30 10.64 -4.08
CA ILE A 234 27.22 10.82 -2.92
C ILE A 234 26.96 9.69 -1.92
N ASN A 235 27.91 9.44 -1.01
CA ASN A 235 27.85 8.32 -0.04
C ASN A 235 26.80 8.62 1.04
N ASP A 236 26.54 9.91 1.29
CA ASP A 236 25.61 10.38 2.36
C ASP A 236 24.16 10.19 1.90
N ASN A 237 23.93 9.91 0.62
CA ASN A 237 22.58 9.63 0.08
C ASN A 237 22.34 8.12 0.18
N ILE A 238 21.19 7.72 0.71
CA ILE A 238 20.83 6.29 0.92
C ILE A 238 19.49 5.99 0.25
N ILE A 239 19.44 4.92 -0.54
CA ILE A 239 18.20 4.43 -1.18
C ILE A 239 17.71 3.22 -0.40
N ILE A 240 16.49 3.26 0.13
CA ILE A 240 15.86 2.08 0.80
C ILE A 240 14.66 1.65 -0.05
N CYS A 241 14.78 0.55 -0.78
CA CYS A 241 13.68 0.01 -1.60
C CYS A 241 12.76 -0.82 -0.70
N ASP A 242 11.53 -0.36 -0.49
CA ASP A 242 10.50 -1.07 0.32
C ASP A 242 9.56 -1.87 -0.59
N GLY A 243 9.11 -1.25 -1.68
CA GLY A 243 8.22 -1.89 -2.67
C GLY A 243 9.00 -2.91 -3.50
N PRO A 244 8.70 -4.22 -3.37
CA PRO A 244 9.46 -5.26 -4.08
C PRO A 244 9.46 -5.06 -5.60
N GLY A 245 8.33 -4.62 -6.17
CA GLY A 245 8.14 -4.36 -7.62
C GLY A 245 9.01 -3.22 -8.12
N SER A 246 9.50 -2.37 -7.22
CA SER A 246 10.32 -1.17 -7.56
C SER A 246 11.81 -1.49 -7.58
N PHE A 247 12.22 -2.69 -7.15
CA PHE A 247 13.67 -3.04 -6.98
C PHE A 247 14.42 -2.90 -8.31
N PRO A 248 13.94 -3.44 -9.45
CA PRO A 248 14.66 -3.28 -10.71
C PRO A 248 15.03 -1.83 -11.02
N LYS A 249 14.15 -0.89 -10.71
CA LYS A 249 14.36 0.56 -11.01
C LYS A 249 15.55 1.08 -10.20
N ILE A 250 15.70 0.65 -8.94
CA ILE A 250 16.81 1.16 -8.06
C ILE A 250 18.11 0.48 -8.48
N LEU A 251 18.05 -0.77 -8.93
CA LEU A 251 19.25 -1.57 -9.30
C LEU A 251 19.84 -1.02 -10.60
N LYS A 252 19.00 -0.61 -11.55
CA LYS A 252 19.42 -0.22 -12.91
C LYS A 252 19.78 1.27 -12.97
N THR A 253 20.06 1.93 -11.84
CA THR A 253 20.52 3.34 -11.81
C THR A 253 22.01 3.39 -12.18
N ASN A 254 22.52 4.58 -12.48
CA ASN A 254 23.95 4.80 -12.82
C ASN A 254 24.73 5.25 -11.57
N HIS A 255 24.11 5.17 -10.39
CA HIS A 255 24.75 5.54 -9.10
C HIS A 255 25.92 4.58 -8.81
N LYS A 256 27.03 5.10 -8.30
CA LYS A 256 28.23 4.30 -7.93
C LYS A 256 28.58 4.51 -6.46
N ASN A 257 28.07 5.56 -5.82
CA ASN A 257 28.44 5.94 -4.43
C ASN A 257 27.22 5.86 -3.51
N VAL A 258 26.01 6.01 -4.04
CA VAL A 258 24.75 5.99 -3.22
C VAL A 258 24.60 4.59 -2.61
N LYS A 259 24.36 4.50 -1.31
CA LYS A 259 24.11 3.20 -0.60
C LYS A 259 22.70 2.73 -0.96
N LYS A 260 22.55 1.45 -1.35
CA LYS A 260 21.24 0.87 -1.74
C LYS A 260 20.91 -0.28 -0.79
N PHE A 261 19.72 -0.26 -0.22
CA PHE A 261 19.22 -1.32 0.68
C PHE A 261 17.85 -1.76 0.19
N ALA A 262 17.49 -3.02 0.48
CA ALA A 262 16.15 -3.58 0.17
C ALA A 262 15.56 -4.15 1.46
N VAL A 263 14.31 -3.79 1.77
CA VAL A 263 13.59 -4.34 2.96
C VAL A 263 12.58 -5.36 2.48
N ILE A 264 12.66 -6.58 3.00
CA ILE A 264 11.65 -7.66 2.75
C ILE A 264 10.55 -7.46 3.80
N HIS A 265 9.34 -7.10 3.37
CA HIS A 265 8.22 -6.75 4.28
C HIS A 265 7.32 -7.97 4.53
N VAL A 266 7.51 -9.07 3.81
CA VAL A 266 6.55 -10.21 3.83
C VAL A 266 7.32 -11.53 3.81
N ASN A 267 6.65 -12.61 4.20
CA ASN A 267 7.15 -13.99 3.99
C ASN A 267 7.48 -14.11 2.50
N HIS A 268 8.75 -14.38 2.16
CA HIS A 268 9.23 -14.43 0.75
C HIS A 268 8.71 -15.69 0.04
N TYR A 269 8.22 -16.70 0.75
CA TYR A 269 7.78 -17.99 0.15
C TYR A 269 6.49 -17.75 -0.63
N LYS A 270 6.33 -18.46 -1.75
CA LYS A 270 5.12 -18.35 -2.62
C LYS A 270 3.89 -18.65 -1.76
N ASN A 271 2.91 -17.76 -1.78
CA ASN A 271 1.67 -17.85 -0.96
C ASN A 271 0.99 -19.19 -1.24
N PHE A 272 0.65 -19.94 -0.19
CA PHE A 272 -0.07 -21.24 -0.27
C PHE A 272 0.68 -22.18 -1.23
N ASP A 273 2.00 -22.30 -1.05
CA ASP A 273 2.88 -23.21 -1.83
C ASP A 273 3.94 -23.76 -0.88
N ASP A 274 3.90 -25.06 -0.60
CA ASP A 274 4.80 -25.72 0.38
C ASP A 274 5.91 -26.47 -0.37
N THR A 275 6.13 -26.14 -1.66
CA THR A 275 7.21 -26.72 -2.50
C THR A 275 8.53 -26.01 -2.21
N GLY A 276 8.51 -24.96 -1.39
CA GLY A 276 9.68 -24.13 -1.07
C GLY A 276 9.93 -23.09 -2.15
N ALA A 277 9.00 -22.91 -3.09
CA ALA A 277 9.06 -21.89 -4.14
C ALA A 277 9.00 -20.50 -3.50
N VAL A 278 9.71 -19.53 -4.08
CA VAL A 278 9.83 -18.14 -3.54
C VAL A 278 9.19 -17.18 -4.54
N LYS A 279 8.55 -16.11 -4.04
CA LYS A 279 7.87 -15.09 -4.88
C LYS A 279 8.89 -14.45 -5.83
N LYS A 280 8.49 -14.19 -7.08
CA LYS A 280 9.39 -13.73 -8.18
C LYS A 280 10.11 -12.45 -7.76
N GLN A 281 9.39 -11.45 -7.26
CA GLN A 281 9.94 -10.12 -6.91
C GLN A 281 10.99 -10.28 -5.81
N GLU A 282 10.66 -11.04 -4.76
CA GLU A 282 11.58 -11.24 -3.61
C GLU A 282 12.78 -12.06 -4.06
N ASP A 283 12.56 -13.07 -4.92
CA ASP A 283 13.64 -13.93 -5.47
C ASP A 283 14.64 -13.03 -6.22
N TYR A 284 14.15 -12.14 -7.09
CA TYR A 284 15.00 -11.21 -7.87
C TYR A 284 15.87 -10.41 -6.91
N ILE A 285 15.27 -9.87 -5.84
CA ILE A 285 16.00 -9.05 -4.82
C ILE A 285 17.12 -9.90 -4.21
N LEU A 286 16.78 -11.10 -3.74
CA LEU A 286 17.70 -11.95 -2.95
C LEU A 286 18.82 -12.49 -3.86
N ARG A 287 18.54 -12.77 -5.13
CA ARG A 287 19.56 -13.24 -6.10
C ARG A 287 20.48 -12.07 -6.47
N ASN A 288 20.07 -10.83 -6.20
CA ASN A 288 20.87 -9.62 -6.55
C ASN A 288 21.35 -8.92 -5.29
N ALA A 289 21.39 -9.62 -4.15
CA ALA A 289 21.79 -9.05 -2.85
C ALA A 289 23.25 -8.56 -2.93
N ASN A 290 24.09 -9.24 -3.72
CA ASN A 290 25.53 -8.93 -3.89
C ASN A 290 25.71 -7.59 -4.62
N LYS A 291 24.67 -7.11 -5.30
CA LYS A 291 24.74 -5.85 -6.12
C LYS A 291 24.31 -4.65 -5.27
N ILE A 292 23.83 -4.86 -4.04
CA ILE A 292 23.37 -3.77 -3.13
C ILE A 292 24.17 -3.83 -1.82
N ASN A 293 24.02 -2.84 -0.95
CA ASN A 293 24.79 -2.75 0.32
C ASN A 293 24.23 -3.74 1.34
N GLY A 294 22.93 -4.03 1.30
CA GLY A 294 22.33 -4.92 2.30
C GLY A 294 20.84 -5.17 2.12
N VAL A 295 20.39 -6.35 2.52
CA VAL A 295 18.95 -6.71 2.55
C VAL A 295 18.51 -6.71 4.01
N VAL A 296 17.46 -5.97 4.34
CA VAL A 296 16.92 -5.86 5.72
C VAL A 296 15.72 -6.80 5.86
N MET A 297 15.73 -7.67 6.87
CA MET A 297 14.58 -8.54 7.22
C MET A 297 14.03 -8.08 8.57
N LEU A 298 12.80 -8.47 8.88
CA LEU A 298 12.07 -7.99 10.09
C LEU A 298 12.28 -8.96 11.25
N THR A 299 12.53 -10.25 10.97
CA THR A 299 12.71 -11.30 12.01
C THR A 299 14.00 -12.10 11.75
N GLU A 300 14.53 -12.72 12.80
CA GLU A 300 15.74 -13.59 12.72
C GLU A 300 15.38 -14.89 11.97
N ALA A 301 14.17 -15.42 12.17
CA ALA A 301 13.68 -16.65 11.52
C ALA A 301 13.72 -16.48 10.00
N GLN A 302 13.30 -15.32 9.49
CA GLN A 302 13.27 -15.05 8.03
C GLN A 302 14.70 -14.96 7.51
N LYS A 303 15.58 -14.24 8.20
CA LYS A 303 17.02 -14.14 7.82
C LYS A 303 17.58 -15.57 7.72
N LYS A 304 17.33 -16.39 8.73
CA LYS A 304 17.81 -17.80 8.78
C LYS A 304 17.35 -18.53 7.51
N ASP A 305 16.05 -18.49 7.22
CA ASP A 305 15.47 -19.23 6.07
C ASP A 305 16.11 -18.73 4.77
N ILE A 306 16.27 -17.42 4.61
CA ILE A 306 16.81 -16.83 3.34
C ILE A 306 18.30 -17.20 3.21
N ILE A 307 19.09 -17.02 4.27
CA ILE A 307 20.56 -17.29 4.26
C ILE A 307 20.78 -18.76 3.91
N GLU A 308 19.91 -19.66 4.37
CA GLU A 308 20.01 -21.12 4.14
C GLU A 308 19.91 -21.43 2.65
N LYS A 309 19.06 -20.71 1.91
CA LYS A 309 18.76 -21.03 0.48
C LYS A 309 19.56 -20.13 -0.45
N TYR A 310 19.97 -18.93 -0.03
CA TYR A 310 20.57 -17.94 -0.95
C TYR A 310 22.06 -17.68 -0.65
N LYS A 311 22.56 -18.10 0.52
CA LYS A 311 23.96 -17.87 0.95
C LYS A 311 24.28 -16.37 0.88
N ILE A 312 23.41 -15.53 1.44
CA ILE A 312 23.58 -14.05 1.51
C ILE A 312 24.40 -13.71 2.76
N THR A 313 25.41 -12.84 2.60
CA THR A 313 26.32 -12.42 3.69
C THR A 313 26.02 -10.99 4.14
N ASN A 314 25.20 -10.25 3.38
CA ASN A 314 24.83 -8.85 3.72
C ASN A 314 23.35 -8.80 4.11
N ALA A 315 22.89 -9.76 4.92
CA ALA A 315 21.51 -9.80 5.44
C ALA A 315 21.54 -9.25 6.87
N TYR A 316 20.60 -8.36 7.20
CA TYR A 316 20.53 -7.69 8.53
C TYR A 316 19.08 -7.73 9.00
N VAL A 317 18.89 -7.86 10.32
CA VAL A 317 17.54 -7.89 10.93
C VAL A 317 17.31 -6.56 11.65
N ILE A 318 16.37 -5.76 11.15
CA ILE A 318 15.88 -4.55 11.84
C ILE A 318 14.36 -4.59 11.80
N SER A 319 13.73 -4.66 12.98
CA SER A 319 12.25 -4.68 13.11
C SER A 319 11.67 -3.36 12.60
N ASN A 320 10.40 -3.36 12.20
CA ASN A 320 9.67 -2.12 11.86
C ASN A 320 9.68 -1.21 13.09
N PHE A 321 9.81 0.10 12.92
CA PHE A 321 9.59 1.07 14.03
C PHE A 321 8.14 0.92 14.49
N ILE A 322 7.92 0.81 15.79
CA ILE A 322 6.57 0.60 16.39
C ILE A 322 6.15 1.92 17.04
N ASN A 323 5.06 2.53 16.55
CA ASN A 323 4.44 3.73 17.16
C ASN A 323 3.73 3.30 18.44
N ILE A 324 4.29 3.66 19.59
CA ILE A 324 3.73 3.29 20.93
C ILE A 324 2.48 4.15 21.15
N THR A 325 1.29 3.55 21.06
CA THR A 325 -0.01 4.23 21.32
C THR A 325 -0.01 4.69 22.79
N ASP A 326 -0.63 5.83 23.09
CA ASP A 326 -0.68 6.39 24.47
C ASP A 326 -1.63 5.53 25.31
N ASP A 327 -1.35 5.39 26.60
CA ASP A 327 -2.19 4.62 27.56
C ASP A 327 -3.57 5.29 27.64
N TYR A 328 -4.61 4.55 28.00
CA TYR A 328 -6.02 5.03 27.98
C TYR A 328 -6.87 4.22 28.96
N ARG A 329 -8.14 4.59 29.11
CA ARG A 329 -9.12 3.93 30.02
C ARG A 329 -10.00 3.00 29.19
N ASP A 330 -9.89 1.69 29.39
CA ASP A 330 -10.70 0.66 28.69
C ASP A 330 -12.06 0.57 29.39
N LYS A 331 -13.05 1.29 28.87
CA LYS A 331 -14.42 1.39 29.46
C LYS A 331 -15.27 0.20 28.98
N ASN A 332 -15.04 -0.26 27.75
CA ASN A 332 -15.89 -1.31 27.09
C ASN A 332 -15.77 -2.61 27.89
N ASP A 333 -16.89 -3.30 28.10
CA ASP A 333 -16.96 -4.63 28.76
C ASP A 333 -17.98 -5.50 28.00
N ASN A 334 -17.64 -5.88 26.77
CA ASN A 334 -18.55 -6.62 25.85
C ASN A 334 -17.86 -7.92 25.45
N LYS A 335 -18.49 -8.72 24.59
CA LYS A 335 -17.91 -9.98 24.06
C LYS A 335 -17.62 -9.78 22.56
N VAL A 336 -16.72 -8.86 22.22
CA VAL A 336 -16.43 -8.50 20.81
C VAL A 336 -15.04 -9.02 20.43
N VAL A 337 -14.98 -9.97 19.49
CA VAL A 337 -13.71 -10.45 18.89
C VAL A 337 -13.41 -9.58 17.67
N GLY A 338 -12.26 -8.90 17.66
CA GLY A 338 -11.90 -7.91 16.62
C GLY A 338 -10.91 -8.44 15.61
N HIS A 339 -10.98 -7.93 14.37
CA HIS A 339 -10.04 -8.25 13.27
C HIS A 339 -10.04 -7.11 12.24
N ILE A 340 -8.89 -6.47 12.06
CA ILE A 340 -8.71 -5.34 11.10
C ILE A 340 -7.61 -5.72 10.12
N SER A 341 -7.96 -5.85 8.84
CA SER A 341 -7.02 -6.26 7.77
C SER A 341 -7.67 -6.07 6.40
N ARG A 342 -6.86 -5.97 5.35
CA ARG A 342 -7.35 -6.00 3.95
C ARG A 342 -7.92 -7.41 3.73
N LEU A 343 -9.06 -7.51 3.04
CA LEU A 343 -9.73 -8.80 2.81
C LEU A 343 -8.96 -9.55 1.71
N VAL A 344 -7.83 -10.15 2.06
CA VAL A 344 -6.93 -10.85 1.10
C VAL A 344 -6.72 -12.28 1.61
N PRO A 345 -6.45 -13.26 0.72
CA PRO A 345 -6.27 -14.67 1.14
C PRO A 345 -5.27 -14.91 2.27
N GLN A 346 -4.18 -14.13 2.30
CA GLN A 346 -3.11 -14.21 3.33
C GLN A 346 -3.74 -14.23 4.73
N LYS A 347 -4.78 -13.43 4.97
CA LYS A 347 -5.36 -13.22 6.33
C LYS A 347 -6.19 -14.44 6.76
N GLY A 348 -6.28 -15.49 5.94
CA GLY A 348 -6.94 -16.76 6.29
C GLY A 348 -8.32 -16.52 6.85
N LEU A 349 -9.10 -15.61 6.25
CA LEU A 349 -10.44 -15.22 6.74
C LEU A 349 -11.41 -16.41 6.68
N PRO A 350 -11.35 -17.33 5.68
CA PRO A 350 -12.16 -18.54 5.75
C PRO A 350 -11.95 -19.34 7.04
N TYR A 351 -10.73 -19.39 7.56
CA TYR A 351 -10.43 -20.04 8.86
C TYR A 351 -11.12 -19.25 9.98
N LEU A 352 -11.14 -17.92 9.88
CA LEU A 352 -11.81 -17.05 10.88
C LEU A 352 -13.28 -17.46 11.00
N ILE A 353 -13.97 -17.72 9.88
CA ILE A 353 -15.43 -18.03 9.89
C ILE A 353 -15.64 -19.43 10.49
N ASP A 354 -14.71 -20.36 10.27
CA ASP A 354 -14.78 -21.72 10.88
C ASP A 354 -14.64 -21.58 12.40
N VAL A 355 -13.71 -20.75 12.86
CA VAL A 355 -13.53 -20.45 14.31
C VAL A 355 -14.85 -19.86 14.84
N ALA A 356 -15.38 -18.84 14.14
CA ALA A 356 -16.63 -18.13 14.52
C ALA A 356 -17.76 -19.15 14.70
N LYS A 357 -17.88 -20.12 13.79
CA LYS A 357 -18.92 -21.18 13.85
C LYS A 357 -18.84 -21.87 15.22
N LYS A 358 -17.65 -22.37 15.58
CA LYS A 358 -17.44 -23.12 16.85
C LYS A 358 -17.68 -22.20 18.05
N VAL A 359 -17.31 -20.92 17.96
CA VAL A 359 -17.42 -19.95 19.10
C VAL A 359 -18.90 -19.62 19.33
N VAL A 360 -19.65 -19.32 18.27
CA VAL A 360 -21.08 -18.93 18.35
C VAL A 360 -21.89 -20.15 18.83
N GLU A 361 -21.50 -21.36 18.40
CA GLU A 361 -22.15 -22.63 18.84
C GLU A 361 -22.10 -22.71 20.37
N GLN A 362 -21.05 -22.19 21.00
CA GLN A 362 -20.86 -22.28 22.47
C GLN A 362 -21.43 -21.02 23.16
N ASP A 363 -21.44 -19.87 22.50
CA ASP A 363 -22.01 -18.60 23.05
C ASP A 363 -22.51 -17.73 21.90
N ASN A 364 -23.83 -17.57 21.78
CA ASN A 364 -24.48 -16.83 20.67
C ASN A 364 -24.34 -15.32 20.92
N SER A 365 -23.90 -14.93 22.12
CA SER A 365 -23.71 -13.50 22.50
C SER A 365 -22.40 -12.95 21.92
N VAL A 366 -21.54 -13.82 21.37
CA VAL A 366 -20.20 -13.41 20.86
C VAL A 366 -20.37 -12.75 19.49
N GLU A 367 -19.68 -11.63 19.26
CA GLU A 367 -19.71 -10.89 17.97
C GLU A 367 -18.28 -10.82 17.41
N PHE A 368 -18.14 -11.04 16.09
CA PHE A 368 -16.84 -10.94 15.37
C PHE A 368 -16.88 -9.73 14.45
N HIS A 369 -16.17 -8.65 14.78
CA HIS A 369 -16.16 -7.40 13.98
C HIS A 369 -14.97 -7.39 13.04
N LEU A 370 -15.21 -7.59 11.74
CA LEU A 370 -14.17 -7.63 10.68
C LEU A 370 -14.14 -6.30 9.94
N TYR A 371 -13.13 -5.48 10.20
CA TYR A 371 -12.89 -4.21 9.46
C TYR A 371 -11.91 -4.46 8.32
N GLY A 372 -12.04 -3.70 7.23
CA GLY A 372 -11.13 -3.76 6.06
C GLY A 372 -11.89 -3.98 4.76
N THR A 373 -11.24 -3.72 3.63
CA THR A 373 -11.80 -3.89 2.27
C THR A 373 -10.82 -4.76 1.46
N GLY A 374 -11.31 -5.44 0.43
CA GLY A 374 -10.47 -6.24 -0.47
C GLY A 374 -11.27 -7.20 -1.32
N GLU A 375 -10.57 -8.04 -2.08
CA GLU A 375 -11.12 -8.95 -3.12
C GLU A 375 -11.93 -10.08 -2.49
N GLU A 376 -11.69 -10.44 -1.21
CA GLU A 376 -12.33 -11.62 -0.58
C GLU A 376 -13.71 -11.27 0.00
N LYS A 377 -14.17 -10.02 -0.11
CA LYS A 377 -15.45 -9.57 0.51
C LYS A 377 -16.57 -10.54 0.14
N SER A 378 -16.78 -10.79 -1.15
CA SER A 378 -17.89 -11.63 -1.67
C SER A 378 -17.81 -13.04 -1.08
N LYS A 379 -16.64 -13.68 -1.15
CA LYS A 379 -16.40 -15.04 -0.61
C LYS A 379 -16.80 -15.09 0.87
N ILE A 380 -16.32 -14.13 1.66
CA ILE A 380 -16.55 -14.12 3.14
C ILE A 380 -18.04 -13.92 3.41
N GLU A 381 -18.69 -13.00 2.69
CA GLU A 381 -20.16 -12.74 2.82
C GLU A 381 -20.92 -14.06 2.64
N ASN A 382 -20.60 -14.82 1.59
CA ASN A 382 -21.27 -16.11 1.27
C ASN A 382 -21.04 -17.09 2.43
N LEU A 383 -19.81 -17.17 2.96
CA LEU A 383 -19.47 -18.08 4.08
C LEU A 383 -20.28 -17.69 5.32
N ILE A 384 -20.40 -16.38 5.60
CA ILE A 384 -21.15 -15.86 6.79
C ILE A 384 -22.63 -16.28 6.68
N GLN A 385 -23.24 -16.06 5.51
CA GLN A 385 -24.67 -16.38 5.25
C GLN A 385 -24.86 -17.90 5.30
N GLU A 386 -23.98 -18.66 4.65
CA GLU A 386 -24.05 -20.15 4.58
C GLU A 386 -23.98 -20.72 6.00
N SER A 387 -23.12 -20.18 6.86
CA SER A 387 -22.91 -20.66 8.25
C SER A 387 -23.95 -20.05 9.18
N ASN A 388 -24.87 -19.23 8.66
CA ASN A 388 -25.95 -18.56 9.43
C ASN A 388 -25.34 -17.78 10.59
N LEU A 389 -24.32 -16.97 10.30
CA LEU A 389 -23.57 -16.18 11.32
C LEU A 389 -23.65 -14.68 10.98
N THR A 390 -24.75 -14.24 10.38
CA THR A 390 -24.94 -12.84 9.93
C THR A 390 -25.18 -11.94 11.15
N ASN A 391 -25.69 -12.52 12.24
CA ASN A 391 -26.06 -11.78 13.49
C ASN A 391 -24.82 -11.65 14.39
N ASN A 392 -23.76 -12.42 14.13
CA ASN A 392 -22.55 -12.48 15.00
C ASN A 392 -21.35 -11.94 14.24
N VAL A 393 -21.03 -12.49 13.06
CA VAL A 393 -19.87 -12.04 12.23
C VAL A 393 -20.35 -10.88 11.37
N LYS A 394 -19.68 -9.74 11.43
CA LYS A 394 -20.09 -8.50 10.73
C LYS A 394 -18.90 -7.91 9.97
N LEU A 395 -19.00 -7.81 8.65
CA LEU A 395 -18.04 -7.04 7.81
C LEU A 395 -18.36 -5.56 7.98
N LEU A 396 -17.62 -4.84 8.84
CA LEU A 396 -17.91 -3.43 9.18
C LEU A 396 -17.20 -2.48 8.20
N GLY A 397 -16.55 -3.01 7.16
CA GLY A 397 -15.91 -2.21 6.09
C GLY A 397 -14.69 -1.45 6.58
N TYR A 398 -14.27 -0.43 5.85
CA TYR A 398 -13.03 0.35 6.13
C TYR A 398 -13.29 1.38 7.22
N THR A 399 -12.37 1.51 8.17
CA THR A 399 -12.38 2.54 9.23
C THR A 399 -11.12 3.40 9.11
N THR A 400 -11.20 4.67 9.49
CA THR A 400 -10.06 5.62 9.54
C THR A 400 -9.33 5.44 10.88
N ASN A 401 -10.07 5.39 11.98
CA ASN A 401 -9.52 5.32 13.37
C ASN A 401 -9.66 3.88 13.85
N ALA A 402 -8.72 3.00 13.46
CA ALA A 402 -8.68 1.57 13.86
C ALA A 402 -8.46 1.46 15.37
N ILE A 403 -7.56 2.27 15.93
CA ILE A 403 -7.23 2.28 17.39
C ILE A 403 -8.53 2.36 18.21
N GLU A 404 -9.42 3.30 17.87
CA GLU A 404 -10.71 3.50 18.59
C GLU A 404 -11.52 2.20 18.55
N LYS A 405 -11.60 1.57 17.38
CA LYS A 405 -12.36 0.30 17.19
C LYS A 405 -11.73 -0.78 18.09
N ILE A 406 -10.40 -0.86 18.12
CA ILE A 406 -9.66 -1.90 18.90
C ILE A 406 -9.93 -1.69 20.39
N LYS A 407 -10.01 -0.43 20.84
CA LYS A 407 -10.26 -0.09 22.26
C LYS A 407 -11.58 -0.72 22.73
N ASP A 408 -12.49 -1.07 21.80
CA ASP A 408 -13.83 -1.60 22.15
C ASP A 408 -13.87 -3.12 21.96
N PHE A 409 -12.77 -3.76 21.58
CA PHE A 409 -12.70 -5.25 21.40
C PHE A 409 -12.28 -5.91 22.72
N ARG A 410 -12.81 -7.09 23.02
CA ARG A 410 -12.36 -7.91 24.18
C ARG A 410 -10.99 -8.51 23.84
N CYS A 411 -10.86 -9.09 22.64
CA CYS A 411 -9.59 -9.67 22.13
C CYS A 411 -9.50 -9.44 20.61
N VAL A 412 -8.28 -9.51 20.06
CA VAL A 412 -8.01 -9.42 18.60
C VAL A 412 -7.39 -10.75 18.15
N ILE A 413 -7.79 -11.28 17.01
CA ILE A 413 -7.29 -12.61 16.52
C ILE A 413 -6.62 -12.45 15.15
N SER A 414 -5.75 -13.41 14.81
CA SER A 414 -5.08 -13.50 13.50
C SER A 414 -5.14 -14.95 12.99
N THR A 415 -5.88 -15.17 11.91
CA THR A 415 -5.93 -16.47 11.19
C THR A 415 -4.95 -16.40 10.01
N SER A 416 -4.06 -15.41 9.99
CA SER A 416 -3.13 -15.15 8.86
C SER A 416 -2.26 -16.39 8.62
N GLN A 417 -2.01 -16.71 7.35
CA GLN A 417 -1.25 -17.93 6.94
C GLN A 417 0.21 -17.57 6.71
N PHE A 418 0.53 -16.29 6.56
CA PHE A 418 1.92 -15.79 6.41
C PHE A 418 1.94 -14.31 6.81
N GLU A 419 3.05 -13.88 7.40
CA GLU A 419 3.25 -12.49 7.85
C GLU A 419 4.72 -12.14 7.64
N GLY A 420 5.03 -10.85 7.48
CA GLY A 420 6.41 -10.37 7.47
C GLY A 420 6.89 -10.13 8.88
N GLN A 421 6.18 -9.28 9.62
CA GLN A 421 6.48 -8.99 11.05
C GLN A 421 5.22 -9.23 11.89
N GLY A 422 4.04 -8.82 11.42
CA GLY A 422 2.75 -8.98 12.13
C GLY A 422 2.44 -7.77 13.01
N LEU A 423 2.20 -6.60 12.42
CA LEU A 423 2.06 -5.31 13.14
C LEU A 423 0.64 -5.15 13.71
N SER A 424 -0.39 -5.74 13.08
CA SER A 424 -1.80 -5.63 13.54
C SER A 424 -1.91 -6.16 14.99
N LEU A 425 -1.29 -7.31 15.26
CA LEU A 425 -1.28 -7.95 16.61
C LEU A 425 -0.54 -7.05 17.59
N ILE A 426 0.60 -6.51 17.18
CA ILE A 426 1.44 -5.59 18.01
C ILE A 426 0.59 -4.38 18.42
N GLU A 427 -0.15 -3.80 17.47
CA GLU A 427 -1.01 -2.61 17.71
C GLU A 427 -2.05 -2.94 18.77
N ALA A 428 -2.74 -4.07 18.62
CA ALA A 428 -3.76 -4.55 19.57
C ALA A 428 -3.12 -4.73 20.96
N MET A 429 -1.93 -5.33 21.01
CA MET A 429 -1.23 -5.64 22.29
C MET A 429 -0.91 -4.32 23.00
N LEU A 430 -0.49 -3.30 22.25
CA LEU A 430 -0.15 -1.96 22.80
C LEU A 430 -1.42 -1.31 23.37
N LEU A 431 -2.59 -1.67 22.85
CA LEU A 431 -3.88 -1.15 23.37
C LEU A 431 -4.40 -2.10 24.45
N LYS A 432 -3.50 -2.83 25.11
CA LYS A 432 -3.81 -3.71 26.27
C LYS A 432 -4.94 -4.67 25.88
N LYS A 433 -4.85 -5.28 24.69
CA LYS A 433 -5.82 -6.30 24.22
C LYS A 433 -5.10 -7.65 24.10
N PRO A 434 -5.63 -8.73 24.70
CA PRO A 434 -5.07 -10.07 24.50
C PRO A 434 -5.23 -10.51 23.05
N VAL A 435 -4.37 -11.40 22.57
CA VAL A 435 -4.35 -11.83 21.14
C VAL A 435 -4.24 -13.35 21.03
N VAL A 436 -5.05 -13.94 20.16
CA VAL A 436 -4.96 -15.38 19.78
C VAL A 436 -4.60 -15.44 18.30
N ALA A 437 -3.41 -15.96 17.97
CA ALA A 437 -2.92 -15.98 16.57
C ALA A 437 -2.42 -17.37 16.21
N PHE A 438 -2.58 -17.75 14.95
CA PHE A 438 -1.98 -19.00 14.39
C PHE A 438 -0.46 -18.82 14.30
N ASP A 439 0.31 -19.77 14.83
CA ASP A 439 1.79 -19.76 14.73
C ASP A 439 2.21 -19.92 13.26
N VAL A 440 2.58 -18.83 12.59
CA VAL A 440 2.92 -18.84 11.14
C VAL A 440 4.25 -18.14 10.94
N LYS A 441 4.86 -18.34 9.76
CA LYS A 441 6.22 -17.86 9.44
C LYS A 441 6.29 -16.35 9.66
N TYR A 442 7.21 -15.94 10.55
CA TYR A 442 7.57 -14.53 10.82
C TYR A 442 6.32 -13.79 11.32
N GLY A 443 5.75 -14.29 12.42
CA GLY A 443 4.48 -13.77 12.97
C GLY A 443 4.55 -13.66 14.48
N PRO A 444 3.53 -14.22 15.16
CA PRO A 444 3.42 -14.14 16.61
C PRO A 444 4.56 -14.70 17.46
N SER A 445 5.30 -15.71 16.96
CA SER A 445 6.30 -16.49 17.74
C SER A 445 7.24 -15.54 18.50
N ASP A 446 7.55 -14.37 17.95
CA ASP A 446 8.52 -13.41 18.53
C ASP A 446 7.95 -12.67 19.75
N PHE A 447 6.67 -12.28 19.73
CA PHE A 447 6.08 -11.37 20.75
C PHE A 447 4.95 -12.05 21.53
N VAL A 448 4.24 -13.02 20.95
CA VAL A 448 3.08 -13.66 21.64
C VAL A 448 3.62 -14.74 22.59
N LYS A 449 3.45 -14.55 23.90
CA LYS A 449 3.92 -15.48 24.95
C LYS A 449 2.71 -16.28 25.45
N ASP A 450 2.65 -17.57 25.13
CA ASP A 450 1.48 -18.45 25.41
C ASP A 450 1.14 -18.39 26.90
N GLY A 451 -0.06 -17.94 27.23
CA GLY A 451 -0.58 -17.86 28.62
C GLY A 451 -0.15 -16.59 29.35
N LYS A 452 0.61 -15.70 28.70
CA LYS A 452 1.15 -14.49 29.36
C LYS A 452 0.55 -13.21 28.76
N ASN A 453 0.53 -13.10 27.42
CA ASN A 453 -0.05 -11.90 26.73
C ASN A 453 -1.06 -12.35 25.68
N GLY A 454 -1.34 -13.65 25.60
CA GLY A 454 -2.26 -14.24 24.62
C GLY A 454 -1.92 -15.69 24.36
N TYR A 455 -2.35 -16.24 23.23
CA TYR A 455 -2.19 -17.69 22.92
C TYR A 455 -1.71 -17.87 21.47
N LEU A 456 -0.59 -18.57 21.29
CA LEU A 456 -0.09 -18.98 19.96
C LEU A 456 -0.68 -20.36 19.64
N ILE A 457 -1.48 -20.46 18.58
CA ILE A 457 -2.23 -21.71 18.25
C ILE A 457 -1.56 -22.37 17.03
N GLU A 458 -1.52 -23.71 17.01
CA GLU A 458 -1.04 -24.50 15.84
C GLU A 458 -1.82 -24.06 14.60
N ASN A 459 -1.14 -23.84 13.48
CA ASN A 459 -1.77 -23.29 12.24
C ASN A 459 -2.91 -24.21 11.81
N LYS A 460 -4.05 -23.61 11.42
CA LYS A 460 -5.25 -24.30 10.85
C LYS A 460 -5.99 -25.09 11.93
N ASP A 461 -5.65 -24.94 13.22
CA ASP A 461 -6.36 -25.61 14.34
C ASP A 461 -7.50 -24.69 14.82
N ILE A 462 -8.68 -24.86 14.25
CA ILE A 462 -9.88 -23.99 14.53
C ILE A 462 -10.33 -24.22 15.97
N LYS A 463 -10.41 -25.48 16.42
CA LYS A 463 -10.95 -25.84 17.76
C LYS A 463 -10.08 -25.20 18.85
N LYS A 464 -8.76 -25.29 18.74
CA LYS A 464 -7.82 -24.76 19.76
C LYS A 464 -7.97 -23.23 19.81
N MET A 465 -8.10 -22.58 18.65
CA MET A 465 -8.29 -21.11 18.57
C MET A 465 -9.63 -20.76 19.22
N ALA A 466 -10.71 -21.44 18.83
CA ALA A 466 -12.07 -21.22 19.39
C ALA A 466 -12.04 -21.37 20.92
N ASN A 467 -11.36 -22.41 21.43
CA ASN A 467 -11.25 -22.68 22.88
C ASN A 467 -10.66 -21.45 23.60
N LYS A 468 -9.55 -20.92 23.09
CA LYS A 468 -8.83 -19.79 23.73
C LYS A 468 -9.65 -18.50 23.59
N ILE A 469 -10.37 -18.33 22.48
CA ILE A 469 -11.27 -17.16 22.28
C ILE A 469 -12.31 -17.18 23.40
N LEU A 470 -12.99 -18.31 23.60
CA LEU A 470 -14.04 -18.45 24.64
C LEU A 470 -13.42 -18.25 26.02
N LYS A 471 -12.25 -18.82 26.27
CA LYS A 471 -11.53 -18.67 27.56
C LYS A 471 -11.44 -17.18 27.91
N LEU A 472 -10.92 -16.37 26.98
CA LEU A 472 -10.73 -14.91 27.17
C LEU A 472 -12.09 -14.23 27.33
N LEU A 473 -13.05 -14.59 26.47
CA LEU A 473 -14.41 -13.96 26.47
C LEU A 473 -15.12 -14.26 27.79
N HIS A 474 -14.81 -15.38 28.45
CA HIS A 474 -15.48 -15.79 29.72
C HIS A 474 -14.71 -15.25 30.93
N ASP A 475 -13.41 -14.98 30.80
CA ASP A 475 -12.56 -14.48 31.92
C ASP A 475 -12.07 -13.07 31.59
N LYS A 476 -12.85 -12.05 31.97
CA LYS A 476 -12.55 -10.62 31.71
C LYS A 476 -11.25 -10.22 32.43
N GLU A 477 -11.00 -10.79 33.61
CA GLU A 477 -9.82 -10.47 34.45
C GLU A 477 -8.57 -11.04 33.78
N LEU A 478 -8.64 -12.28 33.28
CA LEU A 478 -7.54 -12.92 32.51
C LEU A 478 -7.22 -12.02 31.31
N SER A 479 -8.25 -11.64 30.55
CA SER A 479 -8.11 -10.79 29.34
C SER A 479 -7.31 -9.54 29.70
N LYS A 480 -7.67 -8.87 30.80
CA LYS A 480 -7.01 -7.61 31.25
C LYS A 480 -5.55 -7.89 31.58
N SER A 481 -5.27 -8.97 32.32
CA SER A 481 -3.90 -9.37 32.74
C SER A 481 -3.04 -9.61 31.49
N LEU A 482 -3.53 -10.45 30.58
CA LEU A 482 -2.80 -10.79 29.33
C LEU A 482 -2.53 -9.50 28.56
N GLY A 483 -3.55 -8.66 28.41
CA GLY A 483 -3.45 -7.37 27.69
C GLY A 483 -2.33 -6.50 28.25
N LYS A 484 -2.29 -6.33 29.57
CA LYS A 484 -1.27 -5.49 30.27
C LYS A 484 0.12 -5.99 29.88
N HIS A 485 0.36 -7.30 29.99
CA HIS A 485 1.68 -7.91 29.66
C HIS A 485 2.00 -7.67 28.19
N GLY A 486 1.00 -7.71 27.30
CA GLY A 486 1.16 -7.45 25.86
C GLY A 486 1.84 -6.11 25.61
N ARG A 487 1.28 -5.03 26.16
CA ARG A 487 1.84 -3.66 26.03
C ARG A 487 3.27 -3.66 26.57
N ASP A 488 3.48 -4.23 27.76
CA ASP A 488 4.81 -4.26 28.43
C ASP A 488 5.81 -5.01 27.53
N THR A 489 5.41 -6.16 26.99
CA THR A 489 6.26 -6.97 26.07
C THR A 489 6.72 -6.08 24.90
N ILE A 490 5.78 -5.40 24.23
CA ILE A 490 6.11 -4.61 23.01
C ILE A 490 7.02 -3.44 23.41
N ILE A 491 6.73 -2.78 24.53
CA ILE A 491 7.54 -1.61 25.02
C ILE A 491 8.99 -2.06 25.22
N ASP A 492 9.22 -3.20 25.86
CA ASP A 492 10.59 -3.69 26.21
C ASP A 492 11.24 -4.28 24.95
N MET A 493 10.47 -4.94 24.09
CA MET A 493 11.01 -5.66 22.90
C MET A 493 11.36 -4.65 21.79
N TYR A 494 10.45 -3.73 21.48
CA TYR A 494 10.60 -2.78 20.36
C TYR A 494 10.84 -1.38 20.91
N GLN A 495 12.10 -1.04 21.18
CA GLN A 495 12.53 0.32 21.57
C GLN A 495 13.12 0.99 20.34
N PRO A 496 12.62 2.17 19.93
CA PRO A 496 13.05 2.80 18.69
C PRO A 496 14.56 3.12 18.65
N GLU A 497 15.17 3.39 19.81
CA GLU A 497 16.61 3.76 19.93
C GLU A 497 17.46 2.62 19.38
N LYS A 498 17.15 1.38 19.78
CA LYS A 498 17.86 0.15 19.33
C LYS A 498 17.81 0.10 17.80
N LEU A 499 16.62 0.27 17.22
CA LEU A 499 16.42 0.14 15.75
C LEU A 499 17.17 1.28 15.04
N MET A 500 17.23 2.46 15.65
CA MET A 500 17.92 3.62 15.04
C MET A 500 19.42 3.32 14.95
N VAL A 501 19.99 2.74 16.00
CA VAL A 501 21.43 2.34 16.04
C VAL A 501 21.70 1.38 14.87
N LYS A 502 20.82 0.39 14.67
CA LYS A 502 21.00 -0.64 13.61
C LYS A 502 21.01 0.05 12.24
N TRP A 503 20.09 1.00 12.02
CA TRP A 503 20.00 1.75 10.74
C TRP A 503 21.27 2.60 10.53
N LYS A 504 21.69 3.33 11.58
CA LYS A 504 22.88 4.23 11.52
C LYS A 504 24.12 3.38 11.24
N GLN A 505 24.18 2.17 11.79
CA GLN A 505 25.31 1.21 11.56
C GLN A 505 25.36 0.83 10.07
N LEU A 506 24.21 0.67 9.44
CA LEU A 506 24.12 0.32 7.99
C LEU A 506 24.54 1.52 7.14
N PHE A 507 24.23 2.74 7.58
CA PHE A 507 24.48 3.98 6.81
C PHE A 507 25.96 4.36 6.85
N ASN A 508 26.66 4.03 7.94
CA ASN A 508 28.08 4.38 8.16
C ASN A 508 28.94 3.66 7.12
CL CL B . 6.93 -1.18 -14.54
CL CL C . 4.51 31.41 -23.46
CL CL D . 0.16 -7.00 9.77
CL CL E . 5.24 -14.68 -7.45
P PO4 F . 5.81 -1.91 -5.46
O1 PO4 F . 5.10 -1.07 -4.42
O2 PO4 F . 6.15 -3.28 -4.88
O3 PO4 F . 4.92 -2.09 -6.66
O4 PO4 F . 7.09 -1.20 -5.85
C1 GOL G . 5.23 -4.28 7.14
O1 GOL G . 6.59 -4.67 6.99
C2 GOL G . 4.33 -5.47 7.38
O2 GOL G . 4.27 -6.27 6.19
C3 GOL G . 4.78 -6.33 8.54
O3 GOL G . 3.83 -7.36 8.83
OH2 1PE H . -6.22 10.94 -31.18
C12 1PE H . -6.16 11.88 -32.24
C22 1PE H . -7.54 12.28 -32.66
OH3 1PE H . -8.00 13.37 -31.87
C13 1PE H . -9.53 15.19 -31.76
C23 1PE H . -9.33 13.76 -32.15
OH4 1PE H . -9.27 15.36 -30.37
C14 1PE H . -9.32 16.77 -28.44
C24 1PE H . -9.77 16.58 -29.86
OH5 1PE H . -7.99 16.29 -28.31
C15 1PE H . -5.96 16.44 -27.04
C25 1PE H . -7.46 16.45 -26.99
OH6 1PE H . -5.48 15.11 -27.12
C16 1PE H . -3.70 13.59 -27.64
C26 1PE H . -4.20 15.01 -27.74
OH7 1PE H . -4.10 12.80 -28.75
OH3 1PE I . 5.82 38.13 -18.47
C13 1PE I . 8.17 38.52 -18.93
C23 1PE I . 6.97 38.87 -18.11
OH4 1PE I . 8.03 39.06 -20.24
C14 1PE I . 8.80 39.00 -22.51
C24 1PE I . 9.18 38.87 -21.05
OH5 1PE I . 8.70 37.72 -23.10
C15 1PE I . 7.79 36.38 -24.86
C25 1PE I . 7.58 37.56 -23.96
OH6 1PE I . 7.13 35.25 -24.31
C16 1PE I . 8.60 33.39 -24.74
C26 1PE I . 7.29 34.05 -25.08
OH7 1PE I . 8.42 32.52 -23.63
#